data_3SG8
#
_entry.id   3SG8
#
_cell.length_a   43.334
_cell.length_b   101.479
_cell.length_c   73.455
_cell.angle_alpha   90.00
_cell.angle_beta   100.78
_cell.angle_gamma   90.00
#
_symmetry.space_group_name_H-M   'P 1 21 1'
#
loop_
_entity.id
_entity.type
_entity.pdbx_description
1 polymer "APH(2'')-Id"
2 non-polymer TOBRAMYCIN
3 non-polymer 'CHLORIDE ION'
4 water water
#
_entity_poly.entity_id   1
_entity_poly.type   'polypeptide(L)'
_entity_poly.pdbx_seq_one_letter_code
;MRTYTFDQVEKAIEQLYPDFTINTIEISGEGNDCIAYEINRDFIFKFPKHSRGSTNLFNEVNILKRIHNKLPLPIPEVVF
TGMPSETYQMSFAGFTKIKGVPLTPLLLNNLPKQSQNQAAKDLARFLSELHSINISGFKSNLVLDFREKINEDNKKIKKL
LSRELKGPQMKKVDDFYRDILENEIYFKYYPCLIHNDFSSDHILFDTEKNTICGIIDFGDAAISDPDNDFISLMEDDEEY
GMEFVSKILNHYKHKDIPTVLEKYRMKEKYWSFEKIIYGKEYGYMDWYEEGLNEIRSAHHHHHH
;
_entity_poly.pdbx_strand_id   A,B
#
loop_
_chem_comp.id
_chem_comp.type
_chem_comp.name
_chem_comp.formula
CL non-polymer 'CHLORIDE ION' 'Cl -1'
TOY non-polymer TOBRAMYCIN 'C18 H37 N5 O9'
#
# COMPACT_ATOMS: atom_id res chain seq x y z
N MET A 1 2.15 -11.28 -14.66
CA MET A 1 2.16 -12.72 -14.26
C MET A 1 3.55 -13.31 -14.50
N ARG A 2 4.36 -13.20 -13.46
CA ARG A 2 5.72 -13.72 -13.33
C ARG A 2 5.56 -15.21 -13.05
N THR A 3 6.51 -15.99 -13.56
CA THR A 3 6.64 -17.38 -13.19
C THR A 3 8.08 -17.58 -12.77
N TYR A 4 8.37 -18.65 -12.05
CA TYR A 4 9.69 -18.90 -11.55
C TYR A 4 10.15 -20.34 -11.91
N THR A 5 11.47 -20.51 -12.05
CA THR A 5 12.05 -21.85 -12.19
C THR A 5 12.48 -22.28 -10.80
N PHE A 6 12.69 -23.57 -10.58
CA PHE A 6 13.28 -24.04 -9.31
C PHE A 6 14.63 -23.32 -9.03
N ASP A 7 15.41 -23.11 -10.07
CA ASP A 7 16.68 -22.43 -9.91
C ASP A 7 16.56 -20.99 -9.38
N GLN A 8 15.62 -20.23 -9.94
CA GLN A 8 15.38 -18.87 -9.50
C GLN A 8 14.91 -18.83 -8.06
N VAL A 9 14.04 -19.79 -7.73
CA VAL A 9 13.58 -19.98 -6.33
C VAL A 9 14.75 -20.20 -5.35
N GLU A 10 15.62 -21.16 -5.70
CA GLU A 10 16.78 -21.52 -4.88
C GLU A 10 17.74 -20.35 -4.74
N LYS A 11 17.98 -19.63 -5.82
CA LYS A 11 18.97 -18.56 -5.85
C LYS A 11 18.47 -17.43 -4.96
N ALA A 12 17.18 -17.17 -5.03
CA ALA A 12 16.55 -16.07 -4.31
C ALA A 12 16.63 -16.36 -2.80
N ILE A 13 16.45 -17.61 -2.44
CA ILE A 13 16.52 -18.06 -1.03
C ILE A 13 17.99 -18.02 -0.55
N GLU A 14 18.89 -18.65 -1.32
CA GLU A 14 20.35 -18.66 -1.05
C GLU A 14 20.97 -17.29 -0.76
N GLN A 15 20.60 -16.25 -1.52
CA GLN A 15 21.10 -14.90 -1.24
C GLN A 15 20.92 -14.41 0.20
N LEU A 16 19.71 -14.62 0.73
CA LEU A 16 19.33 -14.16 2.06
C LEU A 16 19.52 -15.24 3.15
N TYR A 17 19.48 -16.50 2.72
CA TYR A 17 19.63 -17.66 3.64
C TYR A 17 20.73 -18.61 3.17
N PRO A 18 22.00 -18.14 3.26
CA PRO A 18 23.00 -18.98 2.65
C PRO A 18 23.18 -20.30 3.36
N ASP A 19 22.92 -20.35 4.67
CA ASP A 19 23.18 -21.58 5.44
C ASP A 19 22.00 -22.55 5.44
N PHE A 20 20.94 -22.21 4.69
CA PHE A 20 19.78 -23.11 4.55
C PHE A 20 19.96 -23.96 3.29
N THR A 21 20.39 -25.20 3.47
CA THR A 21 20.60 -26.02 2.27
C THR A 21 19.26 -26.57 1.78
N ILE A 22 19.02 -26.46 0.48
CA ILE A 22 17.78 -26.99 -0.12
C ILE A 22 18.03 -28.35 -0.74
N ASN A 23 17.43 -29.39 -0.15
CA ASN A 23 17.47 -30.76 -0.67
C ASN A 23 16.41 -31.06 -1.74
N THR A 24 15.16 -30.73 -1.42
CA THR A 24 14.03 -31.02 -2.34
C THR A 24 13.19 -29.79 -2.55
N ILE A 25 12.50 -29.77 -3.68
CA ILE A 25 11.65 -28.65 -4.09
C ILE A 25 10.64 -29.11 -5.14
N GLU A 26 9.42 -28.68 -4.96
CA GLU A 26 8.38 -28.91 -5.93
C GLU A 26 7.22 -27.97 -5.65
N ILE A 27 6.40 -27.74 -6.68
CA ILE A 27 5.25 -26.85 -6.57
C ILE A 27 4.25 -27.55 -5.66
N SER A 28 3.80 -26.86 -4.60
CA SER A 28 2.77 -27.43 -3.76
C SER A 28 1.38 -26.91 -4.03
N GLY A 29 1.31 -25.74 -4.64
CA GLY A 29 0.04 -25.06 -4.88
C GLY A 29 0.20 -23.72 -5.57
N GLU A 30 -0.95 -23.15 -5.92
CA GLU A 30 -0.97 -21.91 -6.70
C GLU A 30 -2.32 -21.26 -6.52
N GLY A 31 -2.29 -19.97 -6.19
CA GLY A 31 -3.52 -19.20 -6.03
C GLY A 31 -3.55 -18.03 -6.98
N ASN A 32 -4.44 -17.08 -6.71
CA ASN A 32 -4.54 -15.89 -7.52
C ASN A 32 -3.36 -14.90 -7.28
N ASP A 33 -2.74 -14.99 -6.10
CA ASP A 33 -1.61 -14.08 -5.74
C ASP A 33 -0.22 -14.68 -5.86
N CYS A 34 -0.05 -15.91 -5.35
CA CYS A 34 1.29 -16.56 -5.25
C CYS A 34 1.30 -17.97 -5.81
N ILE A 35 2.48 -18.44 -6.19
CA ILE A 35 2.72 -19.86 -6.37
C ILE A 35 3.41 -20.31 -5.10
N ALA A 36 3.15 -21.53 -4.65
CA ALA A 36 3.74 -22.05 -3.41
C ALA A 36 4.60 -23.26 -3.73
N TYR A 37 5.80 -23.30 -3.15
CA TYR A 37 6.71 -24.42 -3.39
C TYR A 37 7.03 -25.15 -2.10
N GLU A 38 7.11 -26.47 -2.17
CA GLU A 38 7.40 -27.29 -1.00
C GLU A 38 8.90 -27.61 -0.91
N ILE A 39 9.62 -26.82 -0.14
CA ILE A 39 11.05 -27.01 0.03
C ILE A 39 11.34 -27.90 1.24
N ASN A 40 12.16 -28.94 1.02
CA ASN A 40 12.51 -29.87 2.08
C ASN A 40 11.30 -30.58 2.66
N ARG A 41 10.17 -30.48 1.96
CA ARG A 41 8.94 -31.12 2.39
C ARG A 41 8.64 -30.78 3.85
N ASP A 42 9.01 -29.59 4.27
CA ASP A 42 8.79 -29.14 5.65
C ASP A 42 8.73 -27.62 5.73
N PHE A 43 8.41 -26.98 4.62
CA PHE A 43 8.33 -25.53 4.58
C PHE A 43 7.67 -25.04 3.29
N ILE A 44 6.61 -24.26 3.42
CA ILE A 44 5.90 -23.73 2.27
C ILE A 44 6.39 -22.32 1.93
N PHE A 45 6.96 -22.18 0.74
CA PHE A 45 7.49 -20.89 0.29
C PHE A 45 6.61 -20.27 -0.78
N LYS A 46 6.05 -19.10 -0.47
CA LYS A 46 5.21 -18.38 -1.42
C LYS A 46 6.03 -17.35 -2.17
N PHE A 47 5.86 -17.33 -3.48
CA PHE A 47 6.46 -16.31 -4.38
C PHE A 47 5.30 -15.59 -5.11
N PRO A 48 5.32 -14.26 -5.14
CA PRO A 48 4.22 -13.52 -5.74
C PRO A 48 4.27 -13.62 -7.24
N LYS A 49 3.10 -13.72 -7.83
CA LYS A 49 3.00 -13.72 -9.29
C LYS A 49 2.93 -12.33 -9.94
N HIS A 50 2.68 -11.34 -9.10
CA HIS A 50 2.57 -9.97 -9.57
C HIS A 50 2.70 -9.05 -8.33
N SER A 51 2.72 -7.74 -8.54
CA SER A 51 2.94 -6.80 -7.45
CA SER A 51 2.93 -6.78 -7.44
C SER A 51 1.78 -6.84 -6.43
N ARG A 52 0.57 -6.83 -6.91
CA ARG A 52 -0.61 -6.92 -6.04
C ARG A 52 -0.53 -8.13 -5.11
N GLY A 53 -0.20 -9.27 -5.66
CA GLY A 53 -0.02 -10.48 -4.85
C GLY A 53 1.14 -10.39 -3.86
N SER A 54 2.19 -9.66 -4.20
CA SER A 54 3.24 -9.43 -3.24
C SER A 54 2.76 -8.55 -2.08
N THR A 55 1.89 -7.58 -2.35
CA THR A 55 1.39 -6.74 -1.28
C THR A 55 0.54 -7.58 -0.36
N ASN A 56 -0.28 -8.46 -0.96
CA ASN A 56 -1.03 -9.48 -0.21
CA ASN A 56 -1.04 -9.41 -0.14
C ASN A 56 -0.14 -10.31 0.74
N LEU A 57 0.94 -10.80 0.17
CA LEU A 57 1.90 -11.63 0.89
C LEU A 57 2.57 -10.80 2.00
N PHE A 58 2.92 -9.54 1.71
CA PHE A 58 3.49 -8.67 2.76
C PHE A 58 2.50 -8.48 3.92
N ASN A 59 1.20 -8.32 3.58
CA ASN A 59 0.11 -8.18 4.57
CA ASN A 59 0.22 -8.15 4.62
C ASN A 59 0.04 -9.46 5.41
N GLU A 60 0.09 -10.60 4.72
CA GLU A 60 0.01 -11.89 5.43
C GLU A 60 1.11 -12.04 6.50
N VAL A 61 2.34 -11.74 6.09
CA VAL A 61 3.48 -11.82 6.97
C VAL A 61 3.29 -10.88 8.15
N ASN A 62 2.83 -9.69 7.85
CA ASN A 62 2.73 -8.70 8.92
C ASN A 62 1.61 -9.00 9.94
N ILE A 63 0.46 -9.52 9.48
CA ILE A 63 -0.64 -9.92 10.39
C ILE A 63 -0.21 -11.14 11.28
N LEU A 64 0.48 -12.09 10.68
CA LEU A 64 0.86 -13.37 11.35
C LEU A 64 1.82 -13.10 12.47
N LYS A 65 2.65 -12.06 12.35
CA LYS A 65 3.56 -11.73 13.38
C LYS A 65 2.87 -11.07 14.56
N ARG A 66 1.67 -10.56 14.33
CA ARG A 66 0.96 -9.92 15.40
C ARG A 66 0.01 -10.86 16.13
N ILE A 67 -0.35 -11.96 15.49
CA ILE A 67 -1.33 -12.89 16.08
C ILE A 67 -0.79 -14.29 16.35
N HIS A 68 0.55 -14.49 16.31
CA HIS A 68 1.12 -15.88 16.21
C HIS A 68 0.80 -16.87 17.34
N ASN A 69 0.54 -16.34 18.53
CA ASN A 69 0.25 -17.20 19.67
C ASN A 69 -1.03 -16.75 20.37
N LYS A 70 -2.00 -16.23 19.59
CA LYS A 70 -3.25 -15.69 20.15
C LYS A 70 -4.46 -16.51 19.85
N LEU A 71 -4.24 -17.54 19.00
CA LEU A 71 -5.41 -18.38 18.52
C LEU A 71 -5.49 -19.81 19.02
N PRO A 72 -6.70 -20.46 18.94
CA PRO A 72 -6.84 -21.84 19.45
C PRO A 72 -6.48 -22.93 18.42
N LEU A 73 -6.21 -22.52 17.18
CA LEU A 73 -5.67 -23.41 16.11
C LEU A 73 -4.31 -22.99 15.59
N PRO A 74 -3.54 -23.96 15.07
CA PRO A 74 -2.31 -23.58 14.37
C PRO A 74 -2.64 -22.67 13.17
N ILE A 75 -1.69 -21.76 12.89
CA ILE A 75 -1.78 -20.84 11.73
C ILE A 75 -0.36 -20.83 11.15
N PRO A 76 -0.18 -20.33 9.91
CA PRO A 76 1.13 -20.31 9.24
C PRO A 76 2.08 -19.50 10.08
N GLU A 77 3.26 -20.08 10.27
CA GLU A 77 4.33 -19.47 11.07
C GLU A 77 5.42 -19.01 10.08
N VAL A 78 5.72 -17.71 10.03
CA VAL A 78 6.77 -17.19 9.14
C VAL A 78 8.16 -17.55 9.66
N VAL A 79 8.92 -18.22 8.80
CA VAL A 79 10.31 -18.60 9.08
C VAL A 79 11.33 -17.86 8.22
N PHE A 80 11.00 -17.58 6.95
CA PHE A 80 11.95 -16.96 6.00
C PHE A 80 11.23 -15.76 5.37
N THR A 81 11.93 -14.64 5.19
CA THR A 81 11.35 -13.54 4.41
C THR A 81 12.27 -13.06 3.33
N GLY A 82 11.65 -12.65 2.21
CA GLY A 82 12.40 -12.02 1.14
C GLY A 82 12.56 -10.52 1.36
N MET A 83 12.74 -9.80 0.25
CA MET A 83 13.08 -8.36 0.37
C MET A 83 12.20 -7.53 -0.53
N PRO A 84 12.00 -6.25 -0.19
CA PRO A 84 11.31 -5.39 -1.19
C PRO A 84 12.14 -4.96 -2.44
N SER A 85 11.45 -4.62 -3.54
CA SER A 85 12.10 -3.96 -4.67
C SER A 85 11.13 -2.91 -5.22
N GLU A 86 11.45 -2.34 -6.40
CA GLU A 86 10.52 -1.41 -7.07
C GLU A 86 9.28 -2.15 -7.59
N THR A 87 9.31 -3.47 -7.61
CA THR A 87 8.18 -4.25 -8.14
C THR A 87 7.38 -5.02 -7.07
N TYR A 88 8.06 -5.56 -6.07
CA TYR A 88 7.35 -6.38 -5.06
C TYR A 88 7.64 -5.84 -3.67
N GLN A 89 6.60 -5.76 -2.83
CA GLN A 89 6.84 -5.35 -1.42
C GLN A 89 7.57 -6.48 -0.65
N MET A 90 7.45 -7.72 -1.15
CA MET A 90 8.14 -8.84 -0.53
CA MET A 90 8.04 -8.87 -0.49
C MET A 90 8.33 -9.92 -1.56
N SER A 91 9.61 -10.21 -1.83
CA SER A 91 9.94 -11.09 -2.94
C SER A 91 9.51 -12.54 -2.73
N PHE A 92 9.39 -12.94 -1.47
CA PHE A 92 8.93 -14.31 -1.11
C PHE A 92 8.76 -14.36 0.42
N ALA A 93 8.07 -15.37 0.90
CA ALA A 93 8.04 -15.73 2.34
C ALA A 93 7.97 -17.24 2.46
N GLY A 94 8.68 -17.74 3.47
CA GLY A 94 8.74 -19.17 3.76
C GLY A 94 8.06 -19.45 5.06
N PHE A 95 7.12 -20.42 5.03
CA PHE A 95 6.40 -20.79 6.29
C PHE A 95 6.59 -22.24 6.69
N THR A 96 6.37 -22.55 7.98
CA THR A 96 6.41 -23.96 8.46
C THR A 96 5.20 -24.65 7.81
N LYS A 97 5.41 -25.81 7.24
CA LYS A 97 4.30 -26.54 6.66
C LYS A 97 3.41 -27.06 7.78
N ILE A 98 2.11 -26.95 7.57
CA ILE A 98 1.07 -27.54 8.46
C ILE A 98 0.52 -28.76 7.71
N LYS A 99 0.75 -29.95 8.31
CA LYS A 99 0.32 -31.19 7.71
C LYS A 99 -1.22 -31.22 7.80
N GLY A 100 -1.86 -31.84 6.81
CA GLY A 100 -3.30 -31.84 6.85
C GLY A 100 -3.85 -31.68 5.44
N VAL A 101 -5.14 -31.98 5.30
CA VAL A 101 -5.80 -31.72 4.05
C VAL A 101 -6.96 -30.79 4.18
N PRO A 102 -7.36 -30.14 3.08
CA PRO A 102 -8.47 -29.22 3.25
C PRO A 102 -9.76 -29.90 3.66
N LEU A 103 -10.50 -29.25 4.56
CA LEU A 103 -11.81 -29.79 5.02
C LEU A 103 -12.85 -29.42 3.94
N THR A 104 -12.91 -30.21 2.88
CA THR A 104 -13.86 -29.90 1.82
C THR A 104 -15.25 -30.23 2.32
N PRO A 105 -16.28 -29.60 1.70
CA PRO A 105 -17.65 -29.95 2.02
C PRO A 105 -17.90 -31.47 1.92
N LEU A 106 -17.28 -32.14 0.96
CA LEU A 106 -17.51 -33.59 0.80
C LEU A 106 -16.93 -34.35 2.02
N LEU A 107 -15.74 -33.94 2.42
CA LEU A 107 -15.11 -34.60 3.57
C LEU A 107 -15.95 -34.35 4.83
N LEU A 108 -16.34 -33.08 5.03
CA LEU A 108 -17.13 -32.68 6.23
C LEU A 108 -18.41 -33.52 6.29
N ASN A 109 -19.11 -33.59 5.17
CA ASN A 109 -20.39 -34.32 5.23
C ASN A 109 -20.26 -35.79 5.41
N ASN A 110 -19.09 -36.35 5.13
CA ASN A 110 -18.88 -37.81 5.40
C ASN A 110 -18.37 -38.15 6.78
N LEU A 111 -18.10 -37.12 7.60
CA LEU A 111 -17.67 -37.38 8.95
C LEU A 111 -18.85 -37.87 9.86
N PRO A 112 -18.58 -38.72 10.86
CA PRO A 112 -19.56 -38.97 11.95
C PRO A 112 -20.15 -37.61 12.42
N LYS A 113 -21.45 -37.56 12.76
CA LYS A 113 -22.08 -36.33 13.26
C LYS A 113 -21.31 -35.69 14.40
N GLN A 114 -20.80 -36.49 15.30
CA GLN A 114 -20.12 -35.92 16.46
C GLN A 114 -18.88 -35.11 16.04
N SER A 115 -18.17 -35.62 15.03
CA SER A 115 -16.99 -34.95 14.48
C SER A 115 -17.41 -33.70 13.66
N GLN A 116 -18.52 -33.77 12.93
CA GLN A 116 -19.04 -32.55 12.26
C GLN A 116 -19.30 -31.50 13.29
N ASN A 117 -19.95 -31.89 14.39
CA ASN A 117 -20.32 -30.87 15.37
C ASN A 117 -19.10 -30.28 16.04
N GLN A 118 -18.11 -31.13 16.33
CA GLN A 118 -16.86 -30.63 16.89
C GLN A 118 -16.18 -29.69 15.91
N ALA A 119 -16.21 -30.02 14.60
CA ALA A 119 -15.67 -29.03 13.64
C ALA A 119 -16.38 -27.67 13.68
N ALA A 120 -17.71 -27.65 13.80
CA ALA A 120 -18.39 -26.35 13.90
C ALA A 120 -18.00 -25.64 15.17
N LYS A 121 -17.91 -26.42 16.27
CA LYS A 121 -17.45 -25.83 17.54
C LYS A 121 -16.03 -25.24 17.42
N ASP A 122 -15.15 -25.96 16.81
CA ASP A 122 -13.74 -25.50 16.79
C ASP A 122 -13.62 -24.29 15.87
N LEU A 123 -14.37 -24.29 14.79
CA LEU A 123 -14.37 -23.08 13.88
C LEU A 123 -14.96 -21.87 14.62
N ALA A 124 -16.05 -22.08 15.39
CA ALA A 124 -16.62 -20.97 16.14
C ALA A 124 -15.63 -20.40 17.13
N ARG A 125 -14.94 -21.28 17.88
CA ARG A 125 -13.99 -20.83 18.89
C ARG A 125 -12.89 -20.03 18.23
N PHE A 126 -12.43 -20.53 17.10
CA PHE A 126 -11.34 -19.86 16.38
C PHE A 126 -11.79 -18.45 15.92
N LEU A 127 -12.98 -18.38 15.34
CA LEU A 127 -13.51 -17.06 14.93
C LEU A 127 -13.78 -16.14 16.12
N SER A 128 -14.35 -16.71 17.19
CA SER A 128 -14.68 -15.87 18.35
C SER A 128 -13.38 -15.26 18.89
N GLU A 129 -12.34 -16.08 19.03
CA GLU A 129 -11.04 -15.55 19.53
CA GLU A 129 -11.07 -15.57 19.51
C GLU A 129 -10.42 -14.60 18.54
N LEU A 130 -10.45 -14.92 17.23
CA LEU A 130 -9.90 -14.02 16.23
C LEU A 130 -10.59 -12.64 16.26
N HIS A 131 -11.91 -12.65 16.26
CA HIS A 131 -12.72 -11.42 16.27
C HIS A 131 -12.67 -10.70 17.62
N SER A 132 -12.03 -11.33 18.63
CA SER A 132 -11.88 -10.66 19.94
C SER A 132 -10.48 -10.15 20.15
N ILE A 133 -9.59 -10.40 19.18
CA ILE A 133 -8.22 -9.84 19.32
C ILE A 133 -8.22 -8.29 19.41
N ASN A 134 -7.51 -7.74 20.39
CA ASN A 134 -7.50 -6.28 20.51
C ASN A 134 -6.73 -5.67 19.34
N ILE A 135 -7.41 -4.81 18.57
CA ILE A 135 -6.78 -4.26 17.38
C ILE A 135 -6.27 -2.83 17.55
N SER A 136 -6.22 -2.37 18.80
CA SER A 136 -5.83 -0.96 19.05
C SER A 136 -4.40 -0.67 18.55
N GLY A 137 -3.53 -1.65 18.75
CA GLY A 137 -2.18 -1.55 18.24
C GLY A 137 -2.05 -1.59 16.72
N PHE A 138 -2.97 -2.25 16.01
CA PHE A 138 -2.77 -2.50 14.54
C PHE A 138 -2.76 -1.27 13.66
N LYS A 139 -2.19 -1.42 12.47
CA LYS A 139 -2.16 -0.35 11.46
C LYS A 139 -3.59 0.03 11.02
N SER A 140 -3.96 1.31 11.10
CA SER A 140 -5.29 1.80 10.64
C SER A 140 -5.59 1.54 9.16
N ASN A 141 -4.55 1.29 8.36
CA ASN A 141 -4.62 0.92 6.91
C ASN A 141 -5.40 -0.36 6.74
N LEU A 142 -5.32 -1.21 7.77
CA LEU A 142 -5.99 -2.56 7.72
C LEU A 142 -7.51 -2.43 7.76
N VAL A 143 -7.99 -1.28 8.27
CA VAL A 143 -9.42 -0.97 8.30
C VAL A 143 -9.99 -0.97 6.87
N LEU A 144 -10.92 -1.88 6.63
CA LEU A 144 -11.65 -1.93 5.37
C LEU A 144 -13.09 -1.57 5.71
N ASP A 145 -13.43 -0.30 5.50
CA ASP A 145 -14.82 0.14 5.73
C ASP A 145 -15.67 -0.25 4.55
N PHE A 146 -16.67 -1.09 4.81
CA PHE A 146 -17.52 -1.59 3.72
C PHE A 146 -18.33 -0.49 2.98
N ARG A 147 -18.85 0.49 3.67
CA ARG A 147 -19.54 1.58 2.94
C ARG A 147 -18.59 2.30 1.94
N GLU A 148 -17.34 2.55 2.31
CA GLU A 148 -16.40 3.22 1.37
C GLU A 148 -16.09 2.31 0.15
N LYS A 149 -15.98 1.03 0.46
CA LYS A 149 -15.64 0.03 -0.56
C LYS A 149 -16.75 -0.01 -1.62
N ILE A 150 -18.01 -0.12 -1.17
CA ILE A 150 -19.15 -0.18 -2.09
C ILE A 150 -19.27 1.13 -2.88
N ASN A 151 -19.03 2.27 -2.21
CA ASN A 151 -19.04 3.53 -2.99
C ASN A 151 -17.96 3.61 -4.07
N GLU A 152 -16.75 3.17 -3.72
CA GLU A 152 -15.64 3.13 -4.64
C GLU A 152 -15.95 2.11 -5.73
N ASP A 153 -16.57 0.98 -5.38
CA ASP A 153 -16.88 0.00 -6.45
C ASP A 153 -17.88 0.60 -7.46
N ASN A 154 -18.86 1.31 -6.96
CA ASN A 154 -19.81 1.95 -7.87
C ASN A 154 -19.05 2.84 -8.88
N LYS A 155 -18.13 3.65 -8.39
CA LYS A 155 -17.36 4.54 -9.30
C LYS A 155 -16.51 3.74 -10.27
N LYS A 156 -15.86 2.67 -9.78
CA LYS A 156 -15.07 1.80 -10.70
C LYS A 156 -15.92 1.17 -11.79
N ILE A 157 -17.12 0.70 -11.44
CA ILE A 157 -17.92 0.01 -12.44
C ILE A 157 -18.37 1.02 -13.53
N LYS A 158 -18.75 2.21 -13.07
CA LYS A 158 -19.12 3.29 -13.99
C LYS A 158 -17.95 3.56 -14.90
N LYS A 159 -16.78 3.64 -14.28
CA LYS A 159 -15.59 3.91 -15.08
C LYS A 159 -15.29 2.81 -16.09
N LEU A 160 -15.36 1.55 -15.64
CA LEU A 160 -15.11 0.41 -16.51
C LEU A 160 -16.15 0.19 -17.56
N LEU A 161 -17.43 0.38 -17.20
CA LEU A 161 -18.47 -0.05 -18.09
C LEU A 161 -19.20 1.08 -18.81
N SER A 162 -18.86 2.34 -18.52
CA SER A 162 -19.51 3.47 -19.24
C SER A 162 -19.68 3.23 -20.75
N ARG A 163 -18.62 2.77 -21.42
CA ARG A 163 -18.73 2.53 -22.88
C ARG A 163 -19.12 1.10 -23.27
N GLU A 164 -19.35 0.21 -22.31
CA GLU A 164 -19.71 -1.18 -22.60
C GLU A 164 -21.21 -1.44 -22.46
N LEU A 165 -21.90 -0.62 -21.68
CA LEU A 165 -23.33 -0.89 -21.36
C LEU A 165 -24.15 0.21 -22.02
N LYS A 166 -25.34 -0.13 -22.48
CA LYS A 166 -26.34 0.82 -22.96
C LYS A 166 -26.80 1.65 -21.74
N GLY A 167 -27.22 2.87 -22.00
CA GLY A 167 -27.59 3.85 -20.93
C GLY A 167 -28.61 3.24 -19.99
N PRO A 168 -29.69 2.60 -20.50
CA PRO A 168 -30.62 2.02 -19.50
C PRO A 168 -30.05 0.89 -18.65
N GLN A 169 -29.08 0.14 -19.18
CA GLN A 169 -28.41 -0.88 -18.35
C GLN A 169 -27.56 -0.26 -17.26
N MET A 170 -26.80 0.76 -17.65
CA MET A 170 -26.01 1.51 -16.65
C MET A 170 -26.89 2.14 -15.57
N LYS A 171 -28.05 2.69 -15.90
CA LYS A 171 -28.99 3.22 -14.92
C LYS A 171 -29.33 2.12 -13.95
N LYS A 172 -29.65 0.91 -14.45
CA LYS A 172 -29.98 -0.19 -13.53
C LYS A 172 -28.81 -0.60 -12.59
N VAL A 173 -27.58 -0.53 -13.12
CA VAL A 173 -26.38 -0.74 -12.25
C VAL A 173 -26.34 0.31 -11.13
N ASP A 174 -26.52 1.57 -11.50
CA ASP A 174 -26.62 2.67 -10.55
C ASP A 174 -27.75 2.44 -9.54
N ASP A 175 -28.91 1.92 -9.97
CA ASP A 175 -30.01 1.58 -9.06
C ASP A 175 -29.59 0.55 -8.00
N PHE A 176 -28.97 -0.50 -8.49
CA PHE A 176 -28.48 -1.57 -7.60
C PHE A 176 -27.55 -0.99 -6.50
N TYR A 177 -26.53 -0.24 -6.87
CA TYR A 177 -25.67 0.40 -5.89
C TYR A 177 -26.42 1.33 -4.95
N ARG A 178 -27.32 2.15 -5.47
CA ARG A 178 -28.05 3.12 -4.65
C ARG A 178 -28.90 2.42 -3.58
N ASP A 179 -29.47 1.28 -3.98
CA ASP A 179 -30.32 0.47 -3.11
C ASP A 179 -29.53 -0.15 -1.98
N ILE A 180 -28.36 -0.75 -2.31
CA ILE A 180 -27.44 -1.38 -1.35
C ILE A 180 -26.99 -0.32 -0.35
N LEU A 181 -26.65 0.87 -0.87
CA LEU A 181 -26.10 1.93 -0.03
C LEU A 181 -27.09 2.62 0.92
N GLU A 182 -28.39 2.45 0.67
CA GLU A 182 -29.44 2.97 1.57
C GLU A 182 -29.79 1.98 2.65
N ASN A 183 -29.32 0.73 2.53
CA ASN A 183 -29.55 -0.29 3.58
C ASN A 183 -28.44 -0.32 4.65
N GLU A 184 -28.74 0.27 5.80
CA GLU A 184 -27.84 0.42 6.91
C GLU A 184 -27.23 -0.89 7.40
N ILE A 185 -28.00 -1.97 7.30
CA ILE A 185 -27.59 -3.28 7.86
C ILE A 185 -26.25 -3.72 7.37
N TYR A 186 -25.86 -3.30 6.15
CA TYR A 186 -24.59 -3.76 5.55
C TYR A 186 -23.36 -3.03 6.10
N PHE A 187 -23.57 -1.89 6.75
CA PHE A 187 -22.44 -0.97 7.01
C PHE A 187 -22.35 -0.60 8.47
N LYS A 188 -23.31 -1.05 9.27
CA LYS A 188 -23.30 -0.81 10.72
C LYS A 188 -22.81 -2.09 11.36
N TYR A 189 -21.54 -2.11 11.76
CA TYR A 189 -20.95 -3.30 12.45
C TYR A 189 -19.81 -2.75 13.29
N TYR A 190 -19.35 -3.59 14.22
CA TYR A 190 -18.23 -3.19 15.06
C TYR A 190 -17.00 -3.82 14.40
N PRO A 191 -16.10 -2.98 13.84
CA PRO A 191 -14.99 -3.62 13.16
C PRO A 191 -14.09 -4.43 14.10
N CYS A 192 -13.61 -5.55 13.59
CA CYS A 192 -12.57 -6.33 14.31
C CYS A 192 -11.65 -6.98 13.30
N LEU A 193 -10.58 -7.63 13.79
CA LEU A 193 -9.70 -8.39 12.89
C LEU A 193 -10.50 -9.57 12.33
N ILE A 194 -10.47 -9.74 10.99
CA ILE A 194 -11.14 -10.79 10.27
C ILE A 194 -10.20 -11.54 9.36
N HIS A 195 -10.41 -12.83 9.20
CA HIS A 195 -9.58 -13.59 8.24
C HIS A 195 -9.86 -13.07 6.80
N ASN A 196 -11.15 -12.94 6.50
CA ASN A 196 -11.68 -12.30 5.27
C ASN A 196 -11.55 -13.15 3.99
N ASP A 197 -10.98 -14.36 4.10
CA ASP A 197 -11.15 -15.36 3.03
C ASP A 197 -11.37 -16.72 3.69
N PHE A 198 -12.34 -16.76 4.62
CA PHE A 198 -12.47 -17.87 5.53
C PHE A 198 -13.33 -18.93 4.86
N SER A 199 -12.72 -19.72 4.00
CA SER A 199 -13.48 -20.70 3.21
C SER A 199 -12.87 -22.11 3.45
N SER A 200 -13.51 -23.14 2.90
CA SER A 200 -13.12 -24.46 3.21
C SER A 200 -11.69 -24.87 2.72
N ASP A 201 -11.19 -24.30 1.63
CA ASP A 201 -9.82 -24.61 1.22
C ASP A 201 -8.75 -24.02 2.10
N HIS A 202 -9.15 -23.20 3.05
CA HIS A 202 -8.17 -22.61 4.02
C HIS A 202 -8.34 -23.20 5.42
N ILE A 203 -9.11 -24.27 5.51
CA ILE A 203 -9.30 -25.00 6.80
C ILE A 203 -8.68 -26.38 6.67
N LEU A 204 -7.60 -26.62 7.39
CA LEU A 204 -6.91 -27.92 7.23
C LEU A 204 -7.36 -28.92 8.29
N PHE A 205 -7.40 -30.20 7.91
CA PHE A 205 -8.01 -31.21 8.71
C PHE A 205 -7.06 -32.44 8.88
N ASP A 206 -7.07 -33.04 10.06
CA ASP A 206 -6.23 -34.20 10.40
C ASP A 206 -7.21 -35.39 10.36
N THR A 207 -7.09 -36.21 9.32
CA THR A 207 -8.05 -37.30 9.11
C THR A 207 -7.83 -38.48 10.07
N GLU A 208 -6.69 -38.54 10.75
CA GLU A 208 -6.44 -39.53 11.83
C GLU A 208 -7.25 -39.16 13.12
N LYS A 209 -7.26 -37.88 13.45
CA LYS A 209 -7.93 -37.43 14.67
C LYS A 209 -9.36 -37.01 14.39
N ASN A 210 -9.70 -36.86 13.09
CA ASN A 210 -10.93 -36.22 12.64
C ASN A 210 -11.17 -34.88 13.32
N THR A 211 -10.13 -34.05 13.35
CA THR A 211 -10.24 -32.71 13.88
C THR A 211 -9.51 -31.70 12.98
N ILE A 212 -9.92 -30.45 13.10
CA ILE A 212 -9.33 -29.34 12.32
C ILE A 212 -7.97 -29.05 12.95
N CYS A 213 -6.94 -28.95 12.10
CA CYS A 213 -5.56 -28.78 12.56
C CYS A 213 -4.84 -27.54 12.03
N GLY A 214 -5.60 -26.61 11.43
CA GLY A 214 -4.93 -25.40 10.95
C GLY A 214 -5.91 -24.48 10.20
N ILE A 215 -5.58 -23.20 10.16
CA ILE A 215 -6.24 -22.20 9.31
C ILE A 215 -5.11 -21.50 8.57
N ILE A 216 -5.23 -21.41 7.24
CA ILE A 216 -4.13 -20.86 6.45
C ILE A 216 -4.58 -19.69 5.60
N ASP A 217 -3.60 -19.06 4.93
CA ASP A 217 -3.84 -18.00 3.91
C ASP A 217 -4.52 -16.77 4.47
N PHE A 218 -3.72 -16.03 5.21
CA PHE A 218 -4.11 -14.77 5.83
C PHE A 218 -3.88 -13.50 4.97
N GLY A 219 -3.70 -13.70 3.68
CA GLY A 219 -3.35 -12.58 2.79
C GLY A 219 -4.44 -11.51 2.65
N ASP A 220 -5.73 -11.86 2.92
CA ASP A 220 -6.84 -10.91 2.80
C ASP A 220 -7.26 -10.37 4.16
N ALA A 221 -6.70 -10.91 5.23
CA ALA A 221 -7.04 -10.47 6.58
C ALA A 221 -7.13 -8.94 6.65
N ALA A 222 -8.04 -8.45 7.48
CA ALA A 222 -8.22 -7.02 7.64
C ALA A 222 -9.22 -6.71 8.76
N ILE A 223 -9.31 -5.44 9.13
CA ILE A 223 -10.23 -5.01 10.18
C ILE A 223 -11.55 -4.51 9.59
N SER A 224 -12.53 -5.39 9.58
CA SER A 224 -13.78 -5.14 8.95
C SER A 224 -14.93 -5.85 9.64
N ASP A 225 -16.02 -6.10 8.94
CA ASP A 225 -17.16 -6.80 9.53
C ASP A 225 -16.82 -8.27 9.80
N PRO A 226 -17.05 -8.70 11.04
CA PRO A 226 -16.77 -10.08 11.43
C PRO A 226 -17.72 -11.07 10.76
N ASP A 227 -18.85 -10.57 10.28
CA ASP A 227 -19.85 -11.41 9.63
C ASP A 227 -19.30 -11.96 8.31
N ASN A 228 -18.26 -11.30 7.80
CA ASN A 228 -17.60 -11.74 6.58
C ASN A 228 -17.11 -13.18 6.69
N ASP A 229 -16.66 -13.56 7.87
CA ASP A 229 -16.07 -14.86 8.09
C ASP A 229 -17.11 -15.97 8.23
N PHE A 230 -18.40 -15.61 8.31
CA PHE A 230 -19.49 -16.64 8.20
C PHE A 230 -20.05 -16.77 6.80
N ILE A 231 -20.25 -15.62 6.17
CA ILE A 231 -20.85 -15.64 4.84
C ILE A 231 -19.99 -16.33 3.81
N SER A 232 -18.68 -16.32 4.04
CA SER A 232 -17.75 -17.08 3.19
C SER A 232 -17.87 -18.59 3.25
N LEU A 233 -18.62 -19.11 4.21
CA LEU A 233 -18.74 -20.54 4.42
C LEU A 233 -20.16 -21.00 4.03
N MET A 234 -21.05 -20.04 3.74
CA MET A 234 -22.51 -20.40 3.58
C MET A 234 -22.85 -20.92 2.18
N GLU A 235 -21.97 -20.68 1.21
CA GLU A 235 -22.24 -21.07 -0.20
C GLU A 235 -22.53 -22.56 -0.33
N ASP A 236 -23.62 -22.94 -0.98
CA ASP A 236 -23.86 -24.37 -1.11
C ASP A 236 -22.90 -25.15 -2.02
N ASP A 237 -22.43 -24.52 -3.10
CA ASP A 237 -21.65 -25.24 -4.10
C ASP A 237 -20.21 -25.59 -3.69
N GLU A 238 -19.47 -24.55 -3.32
CA GLU A 238 -18.07 -24.71 -2.99
C GLU A 238 -17.83 -24.65 -1.49
N GLU A 239 -18.88 -24.34 -0.73
CA GLU A 239 -18.67 -24.28 0.75
C GLU A 239 -19.64 -25.16 1.59
N TYR A 240 -19.85 -24.81 2.86
CA TYR A 240 -20.52 -25.73 3.81
C TYR A 240 -22.02 -25.65 3.81
N GLY A 241 -22.60 -24.55 3.37
CA GLY A 241 -24.04 -24.58 3.40
C GLY A 241 -24.58 -24.01 4.71
N MET A 242 -25.89 -23.74 4.70
CA MET A 242 -26.53 -23.04 5.81
C MET A 242 -26.64 -23.83 7.12
N GLU A 243 -27.02 -25.12 7.04
CA GLU A 243 -27.11 -25.96 8.25
C GLU A 243 -25.85 -25.93 9.10
N PHE A 244 -24.71 -26.20 8.47
CA PHE A 244 -23.47 -26.24 9.20
C PHE A 244 -23.07 -24.87 9.73
N VAL A 245 -23.18 -23.82 8.92
CA VAL A 245 -22.82 -22.49 9.44
C VAL A 245 -23.73 -22.06 10.61
N SER A 246 -24.98 -22.49 10.60
CA SER A 246 -25.82 -22.15 11.71
C SER A 246 -25.35 -22.81 13.04
N LYS A 247 -24.75 -23.97 12.94
CA LYS A 247 -24.03 -24.60 14.11
C LYS A 247 -22.89 -23.70 14.59
N ILE A 248 -22.09 -23.22 13.61
CA ILE A 248 -20.97 -22.33 13.93
C ILE A 248 -21.53 -21.10 14.65
N LEU A 249 -22.57 -20.47 14.06
CA LEU A 249 -23.17 -19.27 14.65
C LEU A 249 -23.66 -19.50 16.08
N ASN A 250 -24.29 -20.65 16.30
CA ASN A 250 -24.79 -20.94 17.64
C ASN A 250 -23.63 -21.05 18.65
N HIS A 251 -22.57 -21.76 18.27
CA HIS A 251 -21.39 -21.83 19.18
C HIS A 251 -20.75 -20.45 19.40
N TYR A 252 -20.82 -19.58 18.40
CA TYR A 252 -20.19 -18.27 18.47
C TYR A 252 -21.06 -17.34 19.28
N LYS A 253 -22.31 -17.72 19.57
CA LYS A 253 -23.26 -16.91 20.35
C LYS A 253 -23.73 -15.71 19.52
N HIS A 254 -23.86 -15.91 18.18
CA HIS A 254 -24.29 -14.84 17.29
C HIS A 254 -25.69 -14.41 17.66
N LYS A 255 -25.88 -13.10 17.74
CA LYS A 255 -27.14 -12.52 18.25
C LYS A 255 -28.09 -12.04 17.15
N ASP A 256 -27.60 -12.00 15.92
CA ASP A 256 -28.40 -11.44 14.83
C ASP A 256 -28.20 -12.26 13.57
N ILE A 257 -28.64 -13.52 13.62
CA ILE A 257 -28.47 -14.42 12.48
C ILE A 257 -29.20 -13.96 11.21
N PRO A 258 -30.44 -13.37 11.34
CA PRO A 258 -31.03 -12.96 10.10
C PRO A 258 -30.25 -11.85 9.36
N THR A 259 -29.46 -11.05 10.08
CA THR A 259 -28.55 -10.08 9.40
C THR A 259 -27.44 -10.77 8.60
N VAL A 260 -26.89 -11.85 9.15
CA VAL A 260 -25.84 -12.61 8.45
C VAL A 260 -26.43 -13.18 7.16
N LEU A 261 -27.66 -13.67 7.24
CA LEU A 261 -28.34 -14.23 6.05
C LEU A 261 -28.57 -13.16 4.98
N GLU A 262 -28.96 -11.95 5.42
CA GLU A 262 -29.16 -10.80 4.51
C GLU A 262 -27.84 -10.36 3.82
N LYS A 263 -26.73 -10.37 4.59
CA LYS A 263 -25.42 -10.03 4.05
C LYS A 263 -24.95 -11.08 3.06
N TYR A 264 -25.13 -12.36 3.38
CA TYR A 264 -24.88 -13.43 2.41
C TYR A 264 -25.67 -13.25 1.12
N ARG A 265 -26.97 -13.05 1.24
CA ARG A 265 -27.85 -12.85 0.06
C ARG A 265 -27.38 -11.65 -0.80
N MET A 266 -27.00 -10.54 -0.16
CA MET A 266 -26.53 -9.41 -0.96
C MET A 266 -25.17 -9.78 -1.63
N LYS A 267 -24.24 -10.42 -0.87
CA LYS A 267 -22.95 -10.80 -1.39
C LYS A 267 -23.14 -11.67 -2.63
N GLU A 268 -24.10 -12.58 -2.56
CA GLU A 268 -24.40 -13.51 -3.67
C GLU A 268 -24.83 -12.69 -4.90
N LYS A 269 -25.67 -11.69 -4.67
CA LYS A 269 -26.13 -10.82 -5.75
C LYS A 269 -24.99 -9.95 -6.27
N TYR A 270 -24.04 -9.65 -5.41
CA TYR A 270 -22.93 -8.76 -5.78
C TYR A 270 -21.81 -9.38 -6.63
N TRP A 271 -21.85 -10.71 -6.75
CA TRP A 271 -20.74 -11.50 -7.33
C TRP A 271 -20.39 -11.05 -8.75
N SER A 272 -21.40 -10.77 -9.56
CA SER A 272 -21.13 -10.35 -10.97
C SER A 272 -20.25 -9.09 -10.98
N PHE A 273 -20.51 -8.19 -10.03
CA PHE A 273 -19.71 -6.92 -9.95
C PHE A 273 -18.34 -7.14 -9.35
N GLU A 274 -18.25 -7.97 -8.30
CA GLU A 274 -16.95 -8.40 -7.81
C GLU A 274 -16.12 -9.04 -8.92
N LYS A 275 -16.68 -9.90 -9.77
CA LYS A 275 -15.91 -10.47 -10.89
C LYS A 275 -15.37 -9.44 -11.90
N ILE A 276 -16.14 -8.37 -12.14
CA ILE A 276 -15.73 -7.33 -13.05
C ILE A 276 -14.55 -6.60 -12.44
N ILE A 277 -14.70 -6.22 -11.17
CA ILE A 277 -13.70 -5.39 -10.45
C ILE A 277 -12.45 -6.20 -10.07
N TYR A 278 -12.65 -7.36 -9.49
CA TYR A 278 -11.52 -8.27 -9.17
C TYR A 278 -10.80 -8.78 -10.44
N GLY A 279 -11.56 -9.09 -11.49
CA GLY A 279 -10.98 -9.43 -12.78
C GLY A 279 -9.95 -8.41 -13.24
N LYS A 280 -10.29 -7.13 -13.18
CA LYS A 280 -9.35 -6.07 -13.63
C LYS A 280 -8.15 -5.81 -12.70
N GLU A 281 -8.39 -5.84 -11.40
CA GLU A 281 -7.36 -5.60 -10.38
C GLU A 281 -6.38 -6.79 -10.27
N TYR A 282 -6.89 -8.00 -10.51
CA TYR A 282 -6.01 -9.17 -10.45
C TYR A 282 -5.71 -9.70 -11.89
N GLY A 283 -6.11 -8.95 -12.91
CA GLY A 283 -5.76 -9.23 -14.32
C GLY A 283 -6.28 -10.56 -14.87
N TYR A 284 -7.49 -10.94 -14.47
CA TYR A 284 -8.15 -12.14 -14.98
C TYR A 284 -9.26 -11.74 -15.94
N MET A 285 -8.97 -11.75 -17.24
CA MET A 285 -9.95 -11.27 -18.23
C MET A 285 -11.21 -12.14 -18.43
N ASP A 286 -11.14 -13.42 -18.10
CA ASP A 286 -12.32 -14.29 -18.16
C ASP A 286 -13.33 -13.98 -17.04
N TRP A 287 -12.84 -13.65 -15.84
CA TRP A 287 -13.71 -13.19 -14.71
C TRP A 287 -14.46 -11.94 -15.17
N TYR A 288 -13.68 -10.99 -15.69
CA TYR A 288 -14.24 -9.72 -16.18
C TYR A 288 -15.29 -9.94 -17.29
N GLU A 289 -14.96 -10.74 -18.31
CA GLU A 289 -15.94 -11.02 -19.40
C GLU A 289 -17.22 -11.68 -18.96
N GLU A 290 -17.13 -12.58 -18.00
CA GLU A 290 -18.27 -13.36 -17.51
C GLU A 290 -19.19 -12.47 -16.67
N GLY A 291 -18.61 -11.64 -15.81
CA GLY A 291 -19.43 -10.73 -15.05
C GLY A 291 -20.11 -9.71 -15.95
N LEU A 292 -19.39 -9.21 -16.95
CA LEU A 292 -19.96 -8.23 -17.85
C LEU A 292 -21.14 -8.87 -18.59
N ASN A 293 -20.96 -10.11 -19.07
CA ASN A 293 -22.08 -10.78 -19.68
C ASN A 293 -23.27 -11.07 -18.72
N GLU A 294 -23.01 -11.30 -17.42
CA GLU A 294 -24.11 -11.50 -16.47
C GLU A 294 -24.92 -10.24 -16.31
N ILE A 295 -24.22 -9.12 -16.29
CA ILE A 295 -24.86 -7.83 -16.10
C ILE A 295 -25.77 -7.47 -17.27
N ARG A 296 -25.28 -7.61 -18.49
CA ARG A 296 -26.13 -7.48 -19.72
C ARG A 296 -27.38 -8.39 -19.76
N SER A 297 -27.43 -9.41 -18.90
CA SER A 297 -28.65 -10.20 -18.68
C SER A 297 -29.10 -10.16 -17.20
N ALA A 298 -29.19 -8.94 -16.66
CA ALA A 298 -29.47 -8.68 -15.22
C ALA A 298 -30.95 -8.83 -14.86
N MET B 1 11.91 -1.65 -15.05
CA MET B 1 11.28 -0.32 -15.10
C MET B 1 10.73 -0.04 -16.48
N ARG B 2 9.59 0.65 -16.49
CA ARG B 2 8.74 0.74 -17.65
C ARG B 2 9.04 2.11 -18.30
N THR B 3 9.19 2.16 -19.62
CA THR B 3 9.07 3.42 -20.36
C THR B 3 7.83 3.37 -21.26
N TYR B 4 7.48 4.50 -21.86
CA TYR B 4 6.20 4.63 -22.57
C TYR B 4 6.43 5.29 -23.94
N THR B 5 5.67 4.85 -24.94
CA THR B 5 5.59 5.60 -26.20
C THR B 5 4.52 6.66 -26.05
N PHE B 6 4.57 7.72 -26.90
CA PHE B 6 3.49 8.69 -26.90
C PHE B 6 2.18 8.02 -27.26
N ASP B 7 2.20 7.07 -28.17
CA ASP B 7 0.94 6.38 -28.50
C ASP B 7 0.33 5.60 -27.33
N GLN B 8 1.17 4.90 -26.57
CA GLN B 8 0.65 4.17 -25.42
C GLN B 8 0.00 5.19 -24.46
N VAL B 9 0.61 6.34 -24.29
CA VAL B 9 0.02 7.32 -23.35
C VAL B 9 -1.33 7.78 -23.85
N GLU B 10 -1.38 8.09 -25.15
CA GLU B 10 -2.63 8.58 -25.72
C GLU B 10 -3.66 7.46 -25.59
N LYS B 11 -3.27 6.22 -25.88
CA LYS B 11 -4.24 5.11 -25.84
C LYS B 11 -4.81 4.82 -24.43
N ALA B 12 -3.93 4.88 -23.43
CA ALA B 12 -4.30 4.73 -22.02
C ALA B 12 -5.36 5.76 -21.61
N ILE B 13 -5.09 7.03 -21.96
CA ILE B 13 -6.04 8.12 -21.63
C ILE B 13 -7.37 7.99 -22.40
N GLU B 14 -7.27 7.60 -23.67
CA GLU B 14 -8.44 7.44 -24.53
C GLU B 14 -9.39 6.40 -24.01
N GLN B 15 -8.86 5.32 -23.44
CA GLN B 15 -9.71 4.23 -22.97
C GLN B 15 -10.71 4.74 -21.95
N LEU B 16 -10.25 5.63 -21.07
CA LEU B 16 -10.99 6.08 -19.95
C LEU B 16 -11.64 7.44 -20.16
N TYR B 17 -11.08 8.22 -21.05
CA TYR B 17 -11.57 9.53 -21.40
C TYR B 17 -11.63 9.73 -22.94
N PRO B 18 -12.58 9.08 -23.59
CA PRO B 18 -12.66 9.05 -25.03
C PRO B 18 -12.94 10.45 -25.64
N ASP B 19 -13.56 11.39 -24.89
CA ASP B 19 -13.94 12.63 -25.49
C ASP B 19 -12.87 13.70 -25.32
N PHE B 20 -11.80 13.37 -24.58
CA PHE B 20 -10.71 14.33 -24.32
C PHE B 20 -9.75 14.36 -25.51
N THR B 21 -9.75 15.44 -26.28
CA THR B 21 -8.93 15.49 -27.50
C THR B 21 -7.56 15.90 -27.14
N ILE B 22 -6.59 15.10 -27.55
CA ILE B 22 -5.19 15.46 -27.30
C ILE B 22 -4.63 16.06 -28.60
N ASN B 23 -4.15 17.30 -28.54
CA ASN B 23 -3.54 17.95 -29.68
C ASN B 23 -2.04 17.85 -29.57
N THR B 24 -1.54 17.96 -28.35
CA THR B 24 -0.07 18.02 -28.15
C THR B 24 0.30 17.15 -26.98
N ILE B 25 1.46 16.51 -27.09
CA ILE B 25 1.95 15.62 -26.02
C ILE B 25 3.46 15.68 -26.08
N GLU B 26 4.05 16.14 -24.99
CA GLU B 26 5.55 16.22 -24.90
C GLU B 26 5.97 15.66 -23.59
N ILE B 27 7.15 15.09 -23.49
CA ILE B 27 7.62 14.73 -22.15
C ILE B 27 7.95 16.00 -21.38
N SER B 28 7.40 16.15 -20.20
CA SER B 28 7.48 17.34 -19.36
C SER B 28 8.61 17.17 -18.35
N GLY B 29 8.93 15.93 -18.00
CA GLY B 29 9.95 15.68 -16.98
C GLY B 29 9.89 14.27 -16.45
N GLU B 30 10.79 13.95 -15.53
CA GLU B 30 10.87 12.58 -15.05
C GLU B 30 11.50 12.56 -13.65
N GLY B 31 10.93 11.77 -12.73
CA GLY B 31 11.51 11.63 -11.36
C GLY B 31 11.72 10.15 -11.13
N ASN B 32 11.89 9.74 -9.87
CA ASN B 32 12.26 8.37 -9.61
C ASN B 32 11.02 7.47 -9.71
N ASP B 33 9.83 8.03 -9.68
CA ASP B 33 8.62 7.22 -9.55
C ASP B 33 7.88 7.20 -10.91
N CYS B 34 7.78 8.38 -11.54
CA CYS B 34 6.96 8.58 -12.72
C CYS B 34 7.68 9.39 -13.81
N ILE B 35 7.25 9.17 -15.04
CA ILE B 35 7.58 10.05 -16.16
C ILE B 35 6.31 10.95 -16.40
N ALA B 36 6.53 12.23 -16.67
CA ALA B 36 5.44 13.18 -16.75
C ALA B 36 5.29 13.67 -18.19
N TYR B 37 4.05 13.76 -18.69
CA TYR B 37 3.76 14.20 -20.04
C TYR B 37 2.94 15.48 -19.92
N GLU B 38 3.28 16.48 -20.70
CA GLU B 38 2.49 17.76 -20.77
C GLU B 38 1.56 17.59 -21.94
N ILE B 39 0.27 17.61 -21.66
CA ILE B 39 -0.76 17.40 -22.68
C ILE B 39 -1.59 18.65 -22.89
N ASN B 40 -1.72 19.04 -24.16
CA ASN B 40 -2.38 20.31 -24.59
C ASN B 40 -1.89 21.57 -23.88
N ARG B 41 -0.66 21.51 -23.41
CA ARG B 41 -0.03 22.57 -22.61
C ARG B 41 -0.91 23.00 -21.43
N ASP B 42 -1.82 22.13 -21.04
CA ASP B 42 -2.82 22.43 -19.98
C ASP B 42 -2.70 21.48 -18.75
N PHE B 43 -2.18 20.29 -18.99
CA PHE B 43 -2.19 19.24 -17.95
C PHE B 43 -0.87 18.53 -17.94
N ILE B 44 -0.59 17.95 -16.78
CA ILE B 44 0.57 17.10 -16.59
C ILE B 44 0.10 15.72 -16.20
N PHE B 45 0.33 14.73 -17.08
CA PHE B 45 -0.04 13.36 -16.74
C PHE B 45 1.17 12.53 -16.29
N LYS B 46 1.05 11.88 -15.15
CA LYS B 46 2.18 11.08 -14.60
C LYS B 46 1.87 9.62 -14.90
N PHE B 47 2.83 8.91 -15.45
CA PHE B 47 2.75 7.47 -15.59
C PHE B 47 3.85 6.83 -14.80
N PRO B 48 3.50 5.74 -14.08
CA PRO B 48 4.48 5.14 -13.17
C PRO B 48 5.56 4.34 -13.90
N LYS B 49 6.82 4.43 -13.47
CA LYS B 49 7.90 3.63 -14.07
C LYS B 49 7.96 2.20 -13.51
N HIS B 50 7.24 2.00 -12.40
CA HIS B 50 7.26 0.71 -11.68
C HIS B 50 6.17 0.69 -10.58
N SER B 51 6.06 -0.44 -9.89
CA SER B 51 4.92 -0.64 -8.97
CA SER B 51 4.91 -0.63 -9.01
C SER B 51 5.00 0.29 -7.81
N ARG B 52 6.19 0.38 -7.24
CA ARG B 52 6.43 1.29 -6.13
C ARG B 52 6.08 2.77 -6.48
N GLY B 53 6.47 3.17 -7.69
CA GLY B 53 6.16 4.51 -8.23
C GLY B 53 4.64 4.71 -8.30
N SER B 54 3.94 3.67 -8.70
CA SER B 54 2.50 3.79 -8.86
CA SER B 54 2.50 3.76 -8.86
C SER B 54 1.77 3.92 -7.52
N THR B 55 2.33 3.32 -6.45
CA THR B 55 1.76 3.51 -5.10
C THR B 55 1.97 4.98 -4.65
N ASN B 56 3.15 5.53 -4.88
CA ASN B 56 3.46 6.92 -4.67
CA ASN B 56 3.39 6.93 -4.55
C ASN B 56 2.41 7.78 -5.37
N LEU B 57 2.13 7.41 -6.61
CA LEU B 57 1.16 8.18 -7.47
C LEU B 57 -0.22 8.11 -6.90
N PHE B 58 -0.64 6.89 -6.54
CA PHE B 58 -1.98 6.67 -5.93
C PHE B 58 -2.06 7.53 -4.66
N ASN B 59 -0.97 7.55 -3.88
CA ASN B 59 -0.97 8.39 -2.64
C ASN B 59 -1.09 9.82 -2.99
N GLU B 60 -0.25 10.28 -3.95
CA GLU B 60 -0.36 11.66 -4.49
C GLU B 60 -1.78 12.11 -4.82
N VAL B 61 -2.49 11.25 -5.58
CA VAL B 61 -3.82 11.53 -5.99
C VAL B 61 -4.70 11.70 -4.72
N ASN B 62 -4.56 10.76 -3.80
CA ASN B 62 -5.43 10.80 -2.63
CA ASN B 62 -5.37 10.74 -2.56
C ASN B 62 -5.19 12.03 -1.78
N ILE B 63 -3.93 12.41 -1.64
CA ILE B 63 -3.63 13.59 -0.80
C ILE B 63 -4.06 14.89 -1.46
N LEU B 64 -3.74 15.07 -2.76
CA LEU B 64 -4.19 16.27 -3.47
C LEU B 64 -5.71 16.46 -3.48
N LYS B 65 -6.44 15.36 -3.59
CA LYS B 65 -7.90 15.50 -3.53
C LYS B 65 -8.34 15.99 -2.15
N ARG B 66 -7.71 15.43 -1.12
CA ARG B 66 -8.17 15.67 0.26
C ARG B 66 -7.84 17.06 0.63
N ILE B 67 -6.76 17.61 0.07
CA ILE B 67 -6.33 18.95 0.44
C ILE B 67 -6.70 20.06 -0.57
N HIS B 68 -7.54 19.71 -1.51
CA HIS B 68 -7.92 20.67 -2.58
C HIS B 68 -8.48 21.98 -1.94
N ASN B 69 -8.01 23.14 -2.40
CA ASN B 69 -8.50 24.43 -1.86
C ASN B 69 -8.30 24.67 -0.36
N LYS B 70 -7.34 23.97 0.23
CA LYS B 70 -7.05 24.21 1.66
C LYS B 70 -5.78 25.03 1.85
N LEU B 71 -5.00 25.21 0.80
CA LEU B 71 -3.71 25.88 0.97
C LEU B 71 -3.60 27.24 0.24
N PRO B 72 -2.67 28.10 0.73
CA PRO B 72 -2.60 29.47 0.22
C PRO B 72 -1.77 29.68 -1.07
N LEU B 73 -1.17 28.62 -1.64
CA LEU B 73 -0.50 28.68 -2.94
C LEU B 73 -1.15 27.67 -3.82
N PRO B 74 -1.15 27.87 -5.18
CA PRO B 74 -1.72 26.90 -6.09
C PRO B 74 -1.00 25.55 -5.93
N ILE B 75 -1.75 24.45 -5.96
CA ILE B 75 -1.15 23.10 -5.93
C ILE B 75 -1.93 22.37 -7.08
N PRO B 76 -1.38 21.27 -7.59
CA PRO B 76 -2.02 20.53 -8.71
C PRO B 76 -3.37 20.02 -8.25
N GLU B 77 -4.32 20.05 -9.18
CA GLU B 77 -5.66 19.51 -8.96
C GLU B 77 -5.82 18.27 -9.83
N VAL B 78 -6.40 17.23 -9.25
CA VAL B 78 -6.52 15.92 -9.93
C VAL B 78 -7.71 16.06 -10.92
N VAL B 79 -7.49 15.71 -12.18
CA VAL B 79 -8.55 15.87 -13.22
C VAL B 79 -8.85 14.57 -13.90
N PHE B 80 -7.84 13.72 -14.01
CA PHE B 80 -7.99 12.45 -14.72
C PHE B 80 -7.33 11.39 -13.82
N THR B 81 -7.96 10.24 -13.74
CA THR B 81 -7.30 9.13 -13.03
C THR B 81 -7.44 7.84 -13.89
N GLY B 82 -6.37 7.05 -13.82
CA GLY B 82 -6.29 5.73 -14.43
C GLY B 82 -6.89 4.71 -13.45
N MET B 83 -6.54 3.45 -13.67
CA MET B 83 -7.15 2.35 -12.91
C MET B 83 -6.08 1.41 -12.35
N PRO B 84 -6.46 0.61 -11.34
CA PRO B 84 -5.51 -0.35 -10.76
C PRO B 84 -5.35 -1.57 -11.69
N SER B 85 -4.20 -2.21 -11.62
CA SER B 85 -4.02 -3.50 -12.30
C SER B 85 -3.26 -4.42 -11.32
N GLU B 86 -2.86 -5.61 -11.80
CA GLU B 86 -2.06 -6.49 -10.93
C GLU B 86 -0.64 -5.93 -10.73
N THR B 87 -0.28 -4.93 -11.53
CA THR B 87 1.04 -4.30 -11.45
C THR B 87 1.07 -2.90 -10.85
N TYR B 88 0.05 -2.09 -11.17
CA TYR B 88 0.04 -0.70 -10.65
C TYR B 88 -1.19 -0.41 -9.81
N GLN B 89 -1.02 0.28 -8.71
CA GLN B 89 -2.20 0.73 -7.97
C GLN B 89 -3.02 1.79 -8.74
N MET B 90 -2.29 2.59 -9.52
CA MET B 90 -2.87 3.71 -10.34
CA MET B 90 -2.94 3.56 -10.41
C MET B 90 -2.11 3.75 -11.68
N SER B 91 -2.73 3.46 -12.81
CA SER B 91 -1.99 3.37 -14.11
C SER B 91 -1.48 4.72 -14.63
N PHE B 92 -2.17 5.82 -14.26
CA PHE B 92 -1.74 7.18 -14.61
C PHE B 92 -2.56 8.15 -13.79
N ALA B 93 -2.12 9.40 -13.72
CA ALA B 93 -3.11 10.43 -13.28
C ALA B 93 -2.78 11.72 -14.04
N GLY B 94 -3.79 12.52 -14.29
CA GLY B 94 -3.64 13.83 -14.98
C GLY B 94 -4.00 14.94 -14.04
N PHE B 95 -3.10 15.89 -13.87
CA PHE B 95 -3.28 17.05 -12.98
C PHE B 95 -3.26 18.33 -13.81
N THR B 96 -3.82 19.39 -13.27
CA THR B 96 -3.67 20.71 -13.89
C THR B 96 -2.20 21.07 -13.87
N LYS B 97 -1.77 21.79 -14.92
CA LYS B 97 -0.37 22.24 -14.99
C LYS B 97 -0.33 23.55 -14.21
N ILE B 98 0.61 23.65 -13.28
CA ILE B 98 0.86 24.94 -12.64
C ILE B 98 1.98 25.62 -13.38
N LYS B 99 1.68 26.81 -13.92
CA LYS B 99 2.63 27.54 -14.71
C LYS B 99 3.66 28.19 -13.74
N GLY B 100 4.87 28.35 -14.22
CA GLY B 100 5.93 28.84 -13.37
C GLY B 100 7.24 28.04 -13.57
N VAL B 101 8.32 28.53 -13.01
CA VAL B 101 9.65 27.91 -13.14
C VAL B 101 10.11 27.63 -11.72
N PRO B 102 10.96 26.64 -11.51
CA PRO B 102 11.45 26.38 -10.19
C PRO B 102 12.19 27.56 -9.64
N LEU B 103 11.96 27.87 -8.35
CA LEU B 103 12.67 28.88 -7.64
C LEU B 103 14.06 28.27 -7.29
N THR B 104 14.92 28.12 -8.30
CA THR B 104 16.32 27.73 -8.05
C THR B 104 17.00 28.69 -7.05
N PRO B 105 17.99 28.21 -6.31
CA PRO B 105 18.73 29.12 -5.42
C PRO B 105 19.38 30.28 -6.20
N LEU B 106 19.83 30.02 -7.42
CA LEU B 106 20.41 31.13 -8.20
C LEU B 106 19.35 32.21 -8.46
N LEU B 107 18.14 31.77 -8.84
CA LEU B 107 17.07 32.70 -9.16
C LEU B 107 16.70 33.51 -7.91
N LEU B 108 16.61 32.82 -6.76
CA LEU B 108 16.18 33.42 -5.50
C LEU B 108 17.16 34.51 -5.09
N ASN B 109 18.44 34.16 -5.15
CA ASN B 109 19.50 35.09 -4.81
CA ASN B 109 19.52 35.08 -4.82
C ASN B 109 19.61 36.29 -5.74
N ASN B 110 19.12 36.16 -6.96
CA ASN B 110 19.17 37.30 -7.88
C ASN B 110 17.98 38.25 -7.75
N LEU B 111 16.98 37.86 -6.95
CA LEU B 111 15.82 38.72 -6.71
C LEU B 111 16.19 39.94 -5.82
N PRO B 112 15.49 41.05 -6.03
CA PRO B 112 15.52 42.16 -5.06
C PRO B 112 15.17 41.67 -3.62
N LYS B 113 15.72 42.33 -2.61
CA LYS B 113 15.52 41.80 -1.25
C LYS B 113 14.04 41.76 -0.82
N GLN B 114 13.22 42.76 -1.22
CA GLN B 114 11.77 42.72 -0.86
C GLN B 114 11.06 41.48 -1.37
N SER B 115 11.42 41.05 -2.58
CA SER B 115 10.84 39.88 -3.19
C SER B 115 11.37 38.60 -2.54
N GLN B 116 12.64 38.58 -2.16
CA GLN B 116 13.21 37.40 -1.39
C GLN B 116 12.50 37.28 -0.07
N ASN B 117 12.29 38.41 0.62
CA ASN B 117 11.59 38.39 1.89
C ASN B 117 10.19 37.85 1.73
N GLN B 118 9.48 38.32 0.68
CA GLN B 118 8.11 37.84 0.42
C GLN B 118 8.08 36.36 0.08
N ALA B 119 9.09 35.86 -0.62
CA ALA B 119 9.15 34.42 -0.92
C ALA B 119 9.31 33.63 0.40
N ALA B 120 10.10 34.15 1.36
CA ALA B 120 10.23 33.43 2.63
C ALA B 120 8.90 33.43 3.39
N LYS B 121 8.20 34.57 3.36
CA LYS B 121 6.94 34.70 4.12
C LYS B 121 5.92 33.80 3.42
N ASP B 122 5.90 33.81 2.10
CA ASP B 122 4.88 32.97 1.45
C ASP B 122 5.12 31.48 1.70
N LEU B 123 6.38 31.05 1.70
CA LEU B 123 6.66 29.62 2.01
C LEU B 123 6.22 29.29 3.47
N ALA B 124 6.55 30.18 4.40
CA ALA B 124 6.15 29.93 5.81
C ALA B 124 4.64 29.79 5.93
N ARG B 125 3.89 30.65 5.25
CA ARG B 125 2.45 30.68 5.37
C ARG B 125 1.94 29.38 4.77
N PHE B 126 2.56 28.96 3.67
CA PHE B 126 2.11 27.74 3.05
C PHE B 126 2.32 26.53 3.99
N LEU B 127 3.55 26.47 4.53
CA LEU B 127 3.81 25.34 5.48
C LEU B 127 2.99 25.42 6.77
N SER B 128 2.73 26.65 7.27
CA SER B 128 1.86 26.76 8.49
C SER B 128 0.49 26.11 8.21
N GLU B 129 -0.09 26.47 7.07
CA GLU B 129 -1.38 25.96 6.67
C GLU B 129 -1.32 24.44 6.48
N LEU B 130 -0.35 23.96 5.69
CA LEU B 130 -0.26 22.50 5.41
C LEU B 130 -0.10 21.71 6.72
N HIS B 131 0.80 22.21 7.60
CA HIS B 131 1.09 21.51 8.83
C HIS B 131 -0.07 21.65 9.86
N SER B 132 -1.05 22.52 9.57
CA SER B 132 -2.24 22.57 10.44
C SER B 132 -3.47 21.80 9.93
N ILE B 133 -3.40 21.29 8.71
CA ILE B 133 -4.49 20.45 8.20
C ILE B 133 -4.87 19.29 9.13
N ASN B 134 -6.19 19.08 9.34
CA ASN B 134 -6.57 17.96 10.23
C ASN B 134 -6.19 16.58 9.69
N ILE B 135 -5.29 15.88 10.41
CA ILE B 135 -4.74 14.59 9.94
C ILE B 135 -5.64 13.36 10.25
N SER B 136 -6.71 13.58 10.99
CA SER B 136 -7.64 12.47 11.43
C SER B 136 -7.95 11.36 10.46
N GLY B 137 -8.32 11.71 9.24
CA GLY B 137 -8.72 10.70 8.27
C GLY B 137 -7.57 10.01 7.56
N PHE B 138 -6.33 10.48 7.74
CA PHE B 138 -5.19 9.93 6.98
C PHE B 138 -4.69 8.60 7.61
N LYS B 139 -4.88 7.52 6.85
CA LYS B 139 -4.66 6.16 7.32
C LYS B 139 -3.16 5.85 7.38
N SER B 140 -2.84 4.77 8.09
CA SER B 140 -1.46 4.41 8.45
C SER B 140 -0.49 4.29 7.27
N ASN B 141 -0.99 3.94 6.07
CA ASN B 141 -0.05 3.89 4.90
C ASN B 141 0.56 5.28 4.61
N LEU B 142 -0.13 6.34 5.03
CA LEU B 142 0.32 7.76 4.91
C LEU B 142 1.09 8.28 6.13
N VAL B 143 1.19 7.46 7.15
CA VAL B 143 1.81 7.90 8.36
C VAL B 143 3.24 7.38 8.41
N LEU B 144 4.15 8.26 8.75
CA LEU B 144 5.52 7.86 8.83
C LEU B 144 5.98 8.16 10.21
N ASP B 145 5.79 7.23 11.15
CA ASP B 145 6.33 7.42 12.50
C ASP B 145 7.85 7.30 12.42
N PHE B 146 8.55 8.33 12.84
CA PHE B 146 9.97 8.34 12.52
C PHE B 146 10.73 7.30 13.32
N ARG B 147 10.39 7.10 14.61
CA ARG B 147 11.12 6.07 15.39
C ARG B 147 10.88 4.70 14.77
N GLU B 148 9.66 4.44 14.34
CA GLU B 148 9.39 3.18 13.60
C GLU B 148 10.20 3.06 12.30
N LYS B 149 10.30 4.15 11.53
CA LYS B 149 11.05 4.18 10.28
C LYS B 149 12.53 3.88 10.60
N ILE B 150 13.08 4.50 11.65
CA ILE B 150 14.53 4.30 11.96
C ILE B 150 14.77 2.79 12.34
N ASN B 151 13.94 2.25 13.23
CA ASN B 151 14.00 0.80 13.56
C ASN B 151 13.80 -0.12 12.37
N GLU B 152 12.84 0.15 11.47
CA GLU B 152 12.63 -0.70 10.27
C GLU B 152 13.81 -0.60 9.29
N ASP B 153 14.31 0.61 9.12
CA ASP B 153 15.53 0.85 8.34
C ASP B 153 16.70 0.03 8.88
N ASN B 154 16.84 0.02 10.20
CA ASN B 154 17.99 -0.69 10.79
C ASN B 154 17.89 -2.19 10.45
N LYS B 155 16.68 -2.72 10.57
CA LYS B 155 16.42 -4.11 10.18
C LYS B 155 16.70 -4.39 8.71
N LYS B 156 16.35 -3.45 7.83
CA LYS B 156 16.53 -3.64 6.37
C LYS B 156 18.05 -3.63 6.11
N ILE B 157 18.73 -2.71 6.75
CA ILE B 157 20.19 -2.58 6.51
C ILE B 157 20.89 -3.88 6.95
N LYS B 158 20.52 -4.42 8.12
CA LYS B 158 21.08 -5.73 8.54
C LYS B 158 20.79 -6.89 7.59
N LYS B 159 19.57 -6.96 7.10
CA LYS B 159 19.21 -8.02 6.16
C LYS B 159 19.98 -7.89 4.83
N LEU B 160 20.06 -6.66 4.33
CA LEU B 160 20.79 -6.38 3.07
C LEU B 160 22.26 -6.59 3.23
N LEU B 161 22.83 -6.12 4.34
CA LEU B 161 24.29 -6.01 4.46
C LEU B 161 25.03 -7.08 5.29
N SER B 162 24.31 -8.02 5.87
CA SER B 162 25.01 -8.91 6.83
C SER B 162 26.11 -9.76 6.15
N ARG B 163 25.97 -10.08 4.85
CA ARG B 163 27.05 -10.75 4.12
C ARG B 163 27.99 -9.80 3.38
N GLU B 164 27.79 -8.49 3.50
CA GLU B 164 28.63 -7.51 2.78
C GLU B 164 29.62 -6.77 3.65
N LEU B 165 29.44 -6.84 4.98
CA LEU B 165 30.34 -6.08 5.87
C LEU B 165 31.14 -7.00 6.78
N LYS B 166 32.35 -6.60 7.10
CA LYS B 166 33.11 -7.28 8.16
C LYS B 166 32.62 -6.81 9.54
N GLY B 167 32.95 -7.57 10.56
CA GLY B 167 32.58 -7.24 11.94
C GLY B 167 32.63 -5.79 12.38
N PRO B 168 33.77 -5.14 12.23
CA PRO B 168 33.90 -3.78 12.79
C PRO B 168 33.08 -2.75 12.01
N GLN B 169 32.83 -3.06 10.72
CA GLN B 169 31.97 -2.25 9.89
C GLN B 169 30.51 -2.34 10.30
N MET B 170 30.03 -3.57 10.56
CA MET B 170 28.67 -3.78 11.04
C MET B 170 28.53 -3.21 12.49
N LYS B 171 29.56 -3.30 13.36
CA LYS B 171 29.54 -2.62 14.66
C LYS B 171 29.31 -1.10 14.50
N LYS B 172 29.94 -0.51 13.50
CA LYS B 172 29.80 0.94 13.27
C LYS B 172 28.36 1.29 12.86
N VAL B 173 27.74 0.42 12.09
CA VAL B 173 26.31 0.55 11.75
C VAL B 173 25.43 0.47 13.02
N ASP B 174 25.62 -0.62 13.81
CA ASP B 174 24.98 -0.81 15.12
C ASP B 174 25.10 0.45 16.01
N ASP B 175 26.29 1.02 16.10
CA ASP B 175 26.57 2.15 17.02
C ASP B 175 25.83 3.37 16.51
N PHE B 176 25.83 3.58 15.20
CA PHE B 176 25.15 4.74 14.61
C PHE B 176 23.66 4.70 14.88
N TYR B 177 23.01 3.57 14.55
CA TYR B 177 21.58 3.42 14.90
C TYR B 177 21.31 3.55 16.41
N ARG B 178 22.12 2.95 17.26
CA ARG B 178 21.94 3.15 18.68
C ARG B 178 21.99 4.62 19.07
N ASP B 179 22.96 5.34 18.56
CA ASP B 179 23.14 6.78 18.84
C ASP B 179 21.95 7.66 18.39
N ILE B 180 21.39 7.40 17.20
CA ILE B 180 20.17 8.09 16.71
C ILE B 180 18.99 7.75 17.65
N LEU B 181 18.82 6.47 17.96
CA LEU B 181 17.63 6.02 18.68
C LEU B 181 17.61 6.47 20.13
N GLU B 182 18.78 6.73 20.68
CA GLU B 182 18.84 7.18 22.06
C GLU B 182 18.62 8.65 22.24
N ASN B 183 18.50 9.38 21.11
CA ASN B 183 18.34 10.82 21.12
C ASN B 183 16.88 11.21 20.88
N GLU B 184 16.21 11.59 21.95
CA GLU B 184 14.75 11.75 21.93
C GLU B 184 14.31 12.89 21.00
N ILE B 185 15.19 13.87 20.79
CA ILE B 185 14.82 15.02 20.02
C ILE B 185 14.40 14.65 18.59
N TYR B 186 14.81 13.48 18.09
CA TYR B 186 14.41 13.10 16.71
C TYR B 186 12.99 12.53 16.65
N PHE B 187 12.45 12.17 17.80
CA PHE B 187 11.25 11.36 17.76
C PHE B 187 10.07 12.00 18.41
N LYS B 188 10.31 13.14 19.07
CA LYS B 188 9.31 13.87 19.78
C LYS B 188 8.99 15.05 18.85
N TYR B 189 7.90 14.89 18.14
CA TYR B 189 7.31 15.94 17.30
C TYR B 189 5.85 15.65 17.38
N TYR B 190 5.01 16.67 17.07
CA TYR B 190 3.60 16.43 16.89
C TYR B 190 3.36 16.14 15.44
N PRO B 191 2.75 14.99 15.15
CA PRO B 191 2.45 14.61 13.76
C PRO B 191 1.44 15.53 13.11
N CYS B 192 1.92 15.82 11.72
CA CYS B 192 1.31 16.76 10.78
CA CYS B 192 1.04 16.48 10.88
C CYS B 192 1.48 16.20 9.35
N LEU B 193 0.42 16.57 8.55
CA LEU B 193 0.66 16.43 7.12
C LEU B 193 1.87 17.26 6.69
N ILE B 194 2.81 16.62 6.01
CA ILE B 194 4.02 17.30 5.53
C ILE B 194 4.17 16.99 4.06
N HIS B 195 4.81 17.94 3.35
CA HIS B 195 5.05 17.77 1.92
C HIS B 195 6.07 16.63 1.77
N ASN B 196 7.13 16.66 2.60
CA ASN B 196 8.10 15.58 2.68
C ASN B 196 9.07 15.47 1.46
N ASP B 197 8.89 16.32 0.44
CA ASP B 197 9.88 16.51 -0.57
C ASP B 197 10.00 17.99 -0.92
N PHE B 198 10.12 18.82 0.15
CA PHE B 198 9.95 20.25 0.02
C PHE B 198 11.23 20.94 -0.36
N SER B 199 11.50 20.95 -1.66
CA SER B 199 12.79 21.34 -2.21
C SER B 199 12.57 22.40 -3.32
N SER B 200 13.64 23.06 -3.73
CA SER B 200 13.52 24.18 -4.63
C SER B 200 12.91 23.77 -5.96
N ASP B 201 13.13 22.52 -6.39
CA ASP B 201 12.60 22.04 -7.68
CA ASP B 201 12.61 22.05 -7.66
C ASP B 201 11.10 21.89 -7.65
N HIS B 202 10.53 21.95 -6.43
CA HIS B 202 9.04 21.73 -6.29
C HIS B 202 8.31 23.02 -5.89
N ILE B 203 9.04 24.11 -5.89
CA ILE B 203 8.47 25.43 -5.58
C ILE B 203 8.54 26.24 -6.88
N LEU B 204 7.38 26.53 -7.45
CA LEU B 204 7.27 27.30 -8.73
C LEU B 204 7.14 28.80 -8.57
N PHE B 205 7.76 29.53 -9.51
CA PHE B 205 7.93 31.00 -9.38
C PHE B 205 7.52 31.70 -10.66
N ASP B 206 6.90 32.88 -10.50
CA ASP B 206 6.35 33.76 -11.56
C ASP B 206 7.26 34.94 -11.66
N THR B 207 8.09 34.96 -12.68
CA THR B 207 9.08 36.02 -12.79
C THR B 207 8.49 37.36 -13.22
N GLU B 208 7.24 37.34 -13.71
CA GLU B 208 6.56 38.58 -14.16
C GLU B 208 6.14 39.38 -12.96
N LYS B 209 5.77 38.68 -11.87
CA LYS B 209 5.41 39.31 -10.60
C LYS B 209 6.46 39.12 -9.53
N ASN B 210 7.48 38.30 -9.81
CA ASN B 210 8.49 37.95 -8.77
C ASN B 210 7.87 37.38 -7.48
N THR B 211 6.96 36.43 -7.65
CA THR B 211 6.25 35.81 -6.52
C THR B 211 6.13 34.30 -6.77
N ILE B 212 6.21 33.53 -5.69
CA ILE B 212 5.90 32.07 -5.73
C ILE B 212 4.50 31.86 -6.20
N CYS B 213 4.31 30.93 -7.16
CA CYS B 213 3.01 30.70 -7.71
C CYS B 213 2.61 29.25 -7.74
N GLY B 214 3.29 28.40 -7.00
CA GLY B 214 2.71 27.05 -6.84
C GLY B 214 3.71 26.12 -6.11
N ILE B 215 3.17 25.04 -5.57
CA ILE B 215 3.97 24.00 -4.95
C ILE B 215 3.53 22.72 -5.67
N ILE B 216 4.48 21.86 -6.05
CA ILE B 216 4.13 20.63 -6.83
C ILE B 216 4.71 19.36 -6.16
N ASP B 217 4.40 18.22 -6.72
CA ASP B 217 4.99 16.96 -6.38
C ASP B 217 4.77 16.45 -4.96
N PHE B 218 3.56 15.97 -4.74
CA PHE B 218 3.09 15.56 -3.37
C PHE B 218 3.15 14.02 -3.14
N GLY B 219 3.89 13.32 -4.01
CA GLY B 219 3.91 11.86 -3.95
C GLY B 219 4.58 11.31 -2.68
N ASP B 220 5.42 12.14 -2.03
CA ASP B 220 6.05 11.71 -0.77
C ASP B 220 5.37 12.25 0.47
N ALA B 221 4.28 13.01 0.26
CA ALA B 221 3.54 13.63 1.43
C ALA B 221 3.06 12.52 2.43
N ALA B 222 3.11 12.82 3.71
CA ALA B 222 2.81 11.81 4.72
C ALA B 222 2.46 12.53 5.98
N ILE B 223 2.05 11.78 7.00
CA ILE B 223 1.91 12.34 8.34
C ILE B 223 3.17 12.06 9.09
N SER B 224 3.90 13.13 9.41
CA SER B 224 5.24 12.97 9.92
C SER B 224 5.69 14.26 10.60
N ASP B 225 6.99 14.50 10.74
CA ASP B 225 7.56 15.62 11.53
C ASP B 225 7.61 16.89 10.64
N PRO B 226 6.89 17.96 11.01
CA PRO B 226 6.92 19.18 10.19
C PRO B 226 8.32 19.68 9.91
N ASP B 227 9.26 19.45 10.85
CA ASP B 227 10.61 19.90 10.62
C ASP B 227 11.21 19.32 9.33
N ASN B 228 10.74 18.16 8.86
CA ASN B 228 11.22 17.63 7.57
C ASN B 228 11.12 18.68 6.40
N ASP B 229 10.15 19.57 6.49
CA ASP B 229 9.91 20.49 5.36
C ASP B 229 10.82 21.73 5.40
N PHE B 230 11.50 21.93 6.52
CA PHE B 230 12.57 22.91 6.58
C PHE B 230 13.91 22.32 6.23
N ILE B 231 14.22 21.15 6.78
CA ILE B 231 15.53 20.58 6.54
C ILE B 231 15.78 20.33 5.05
N SER B 232 14.70 20.11 4.30
CA SER B 232 14.82 19.77 2.86
C SER B 232 15.22 21.02 2.06
N LEU B 233 15.14 22.19 2.72
CA LEU B 233 15.51 23.47 2.06
C LEU B 233 16.87 23.97 2.52
N MET B 234 17.46 23.30 3.50
CA MET B 234 18.73 23.83 4.17
C MET B 234 20.06 23.43 3.51
N GLU B 235 20.07 22.36 2.72
CA GLU B 235 21.24 21.92 1.95
C GLU B 235 21.93 23.09 1.20
N ASP B 236 23.21 23.33 1.50
CA ASP B 236 23.97 24.44 0.87
C ASP B 236 24.14 24.33 -0.66
N ASP B 237 24.41 23.10 -1.10
CA ASP B 237 24.59 22.79 -2.51
C ASP B 237 23.30 22.85 -3.34
N GLU B 238 22.32 21.99 -3.05
CA GLU B 238 21.23 21.86 -3.97
C GLU B 238 20.11 22.86 -3.65
N GLU B 239 20.13 23.49 -2.47
CA GLU B 239 18.92 24.16 -1.98
C GLU B 239 19.32 25.52 -1.41
N TYR B 240 18.51 26.01 -0.49
CA TYR B 240 18.61 27.44 -0.16
C TYR B 240 19.63 27.82 0.89
N GLY B 241 19.92 26.92 1.80
CA GLY B 241 20.92 27.21 2.78
C GLY B 241 20.32 27.94 3.95
N MET B 242 21.11 28.17 4.98
CA MET B 242 20.56 28.42 6.29
C MET B 242 20.01 29.86 6.51
N GLU B 243 20.63 30.88 5.93
CA GLU B 243 20.08 32.23 6.10
C GLU B 243 18.66 32.43 5.58
N PHE B 244 18.39 32.01 4.34
CA PHE B 244 17.04 32.08 3.81
C PHE B 244 16.09 31.19 4.62
N VAL B 245 16.51 29.97 4.98
CA VAL B 245 15.60 29.12 5.73
C VAL B 245 15.31 29.70 7.13
N SER B 246 16.30 30.41 7.72
CA SER B 246 16.03 31.09 8.97
C SER B 246 14.90 32.13 8.84
N LYS B 247 14.82 32.83 7.70
CA LYS B 247 13.70 33.72 7.50
C LYS B 247 12.35 32.95 7.44
N ILE B 248 12.35 31.81 6.77
CA ILE B 248 11.08 31.04 6.69
C ILE B 248 10.70 30.63 8.13
N LEU B 249 11.67 30.12 8.88
CA LEU B 249 11.44 29.65 10.27
C LEU B 249 10.90 30.76 11.12
N ASN B 250 11.42 31.96 10.87
CA ASN B 250 10.94 33.06 11.69
C ASN B 250 9.55 33.57 11.33
N HIS B 251 9.21 33.56 10.04
CA HIS B 251 7.83 33.83 9.65
C HIS B 251 6.85 32.75 10.16
N TYR B 252 7.32 31.50 10.17
CA TYR B 252 6.54 30.32 10.66
C TYR B 252 6.40 30.34 12.19
N LYS B 253 7.26 31.13 12.83
CA LYS B 253 7.24 31.36 14.29
C LYS B 253 7.72 30.10 14.99
N HIS B 254 8.62 29.39 14.33
CA HIS B 254 9.25 28.21 14.94
C HIS B 254 9.89 28.55 16.28
N LYS B 255 9.68 27.70 17.28
CA LYS B 255 10.25 27.97 18.64
C LYS B 255 11.54 27.21 18.95
N ASP B 256 11.95 26.32 18.07
CA ASP B 256 13.14 25.58 18.40
C ASP B 256 14.06 25.44 17.22
N ILE B 257 14.60 26.56 16.75
CA ILE B 257 15.52 26.47 15.61
C ILE B 257 16.74 25.49 15.83
N PRO B 258 17.34 25.51 17.04
CA PRO B 258 18.45 24.59 17.19
C PRO B 258 18.09 23.10 16.94
N THR B 259 16.89 22.69 17.34
CA THR B 259 16.43 21.34 17.07
C THR B 259 16.32 21.09 15.56
N VAL B 260 15.84 22.09 14.79
CA VAL B 260 15.90 21.95 13.31
C VAL B 260 17.29 21.69 12.77
N LEU B 261 18.29 22.41 13.29
CA LEU B 261 19.62 22.28 12.74
C LEU B 261 20.16 20.89 13.09
N GLU B 262 19.78 20.40 14.26
CA GLU B 262 20.25 19.11 14.70
C GLU B 262 19.69 17.97 13.85
N LYS B 263 18.38 18.02 13.60
CA LYS B 263 17.77 17.03 12.70
C LYS B 263 18.42 17.08 11.33
N TYR B 264 18.72 18.28 10.85
CA TYR B 264 19.37 18.43 9.55
C TYR B 264 20.74 17.72 9.56
N ARG B 265 21.52 18.00 10.61
CA ARG B 265 22.85 17.41 10.72
C ARG B 265 22.76 15.88 10.71
N MET B 266 21.79 15.33 11.44
CA MET B 266 21.60 13.85 11.49
C MET B 266 21.21 13.31 10.12
N LYS B 267 20.32 14.02 9.42
CA LYS B 267 19.81 13.56 8.13
C LYS B 267 20.97 13.54 7.08
N GLU B 268 21.88 14.50 7.19
CA GLU B 268 23.06 14.53 6.33
C GLU B 268 23.90 13.26 6.57
N LYS B 269 24.08 12.91 7.82
CA LYS B 269 24.86 11.70 8.11
C LYS B 269 24.14 10.45 7.71
N TYR B 270 22.81 10.48 7.81
CA TYR B 270 21.99 9.34 7.52
C TYR B 270 21.97 8.97 6.04
N TRP B 271 22.40 9.91 5.20
CA TRP B 271 22.29 9.78 3.76
C TRP B 271 22.89 8.46 3.18
N SER B 272 24.06 8.03 3.63
CA SER B 272 24.57 6.70 3.21
C SER B 272 23.59 5.53 3.33
N PHE B 273 22.84 5.50 4.42
CA PHE B 273 21.93 4.44 4.71
C PHE B 273 20.66 4.59 3.93
N GLU B 274 20.19 5.85 3.77
CA GLU B 274 19.02 6.12 2.89
C GLU B 274 19.39 5.63 1.50
N LYS B 275 20.62 5.92 1.05
CA LYS B 275 21.00 5.51 -0.30
C LYS B 275 21.02 4.03 -0.51
N ILE B 276 21.38 3.25 0.51
CA ILE B 276 21.39 1.84 0.37
C ILE B 276 19.93 1.32 0.32
N ILE B 277 19.08 1.79 1.24
CA ILE B 277 17.65 1.30 1.30
C ILE B 277 16.84 1.80 0.11
N TYR B 278 16.94 3.11 -0.15
CA TYR B 278 16.21 3.72 -1.26
C TYR B 278 16.71 3.10 -2.58
N GLY B 279 18.03 2.92 -2.68
CA GLY B 279 18.61 2.19 -3.81
C GLY B 279 17.93 0.88 -4.12
N LYS B 280 17.89 0.01 -3.12
CA LYS B 280 17.24 -1.33 -3.27
C LYS B 280 15.76 -1.26 -3.50
N GLU B 281 15.04 -0.43 -2.73
CA GLU B 281 13.60 -0.29 -2.95
C GLU B 281 13.17 0.37 -4.24
N TYR B 282 13.98 1.30 -4.75
CA TYR B 282 13.59 2.04 -5.98
C TYR B 282 14.40 1.59 -7.20
N GLY B 283 15.21 0.53 -7.04
CA GLY B 283 15.91 -0.10 -8.17
C GLY B 283 17.15 0.59 -8.73
N TYR B 284 17.89 1.32 -7.88
CA TYR B 284 19.14 2.01 -8.31
C TYR B 284 20.38 1.38 -7.75
N MET B 285 21.04 0.57 -8.57
CA MET B 285 22.24 -0.10 -8.11
C MET B 285 23.35 0.91 -7.79
N ASP B 286 23.44 2.02 -8.53
CA ASP B 286 24.57 2.94 -8.26
C ASP B 286 24.47 3.59 -6.87
N TRP B 287 23.26 3.90 -6.42
CA TRP B 287 23.05 4.52 -5.08
C TRP B 287 23.42 3.49 -4.02
N TYR B 288 22.96 2.26 -4.23
CA TYR B 288 23.34 1.14 -3.34
C TYR B 288 24.86 0.98 -3.20
N GLU B 289 25.57 1.03 -4.32
CA GLU B 289 27.00 0.73 -4.33
C GLU B 289 27.78 1.88 -3.70
N GLU B 290 27.26 3.06 -3.90
CA GLU B 290 27.84 4.30 -3.34
C GLU B 290 27.67 4.32 -1.81
N GLY B 291 26.45 4.03 -1.38
CA GLY B 291 26.18 3.92 0.07
C GLY B 291 27.05 2.84 0.74
N LEU B 292 27.17 1.68 0.09
CA LEU B 292 27.94 0.55 0.68
C LEU B 292 29.42 0.94 0.72
N ASN B 293 29.92 1.63 -0.31
CA ASN B 293 31.33 2.06 -0.29
C ASN B 293 31.62 3.05 0.85
N GLU B 294 30.65 3.91 1.13
CA GLU B 294 30.71 4.88 2.22
C GLU B 294 30.68 4.21 3.60
N ILE B 295 29.78 3.24 3.80
CA ILE B 295 29.73 2.44 5.04
C ILE B 295 31.05 1.70 5.23
N ARG B 296 31.66 1.28 4.12
CA ARG B 296 32.89 0.53 4.23
C ARG B 296 34.02 1.37 4.77
N SER B 297 34.13 2.59 4.26
CA SER B 297 35.23 3.48 4.58
C SER B 297 34.64 4.85 4.96
N ALA B 298 34.38 5.07 6.26
CA ALA B 298 33.58 6.22 6.75
C ALA B 298 34.40 7.33 7.43
C11 TOY C . -16.32 -16.96 -5.16
O11 TOY C . -16.09 -17.74 -3.96
C21 TOY C . -17.70 -16.40 -5.02
N21 TOY C . -17.82 -15.62 -3.77
C31 TOY C . -18.79 -17.52 -5.10
C41 TOY C . -18.61 -18.33 -6.38
O41 TOY C . -19.54 -19.43 -6.41
C51 TOY C . -17.22 -18.87 -6.46
O51 TOY C . -16.18 -17.89 -6.35
C61 TOY C . -16.93 -19.57 -7.81
N61 TOY C . -15.51 -20.00 -7.75
C12 TOY C . -12.68 -18.31 -1.82
N12 TOY C . -11.46 -18.65 -1.01
C22 TOY C . -13.57 -19.57 -2.00
C32 TOY C . -14.90 -19.08 -2.46
N32 TOY C . -15.90 -20.22 -2.62
C42 TOY C . -14.79 -18.33 -3.82
C52 TOY C . -13.68 -17.22 -3.74
O52 TOY C . -13.45 -16.77 -5.05
C62 TOY C . -12.36 -17.80 -3.24
O62 TOY C . -11.40 -16.70 -2.94
C13 TOY C . -10.47 -16.37 -3.95
C23 TOY C . -9.17 -15.85 -3.36
O23 TOY C . -8.68 -16.84 -2.49
C33 TOY C . -9.42 -14.53 -2.59
N33 TOY C . -8.09 -14.04 -2.07
C43 TOY C . -10.05 -13.56 -3.55
O43 TOY C . -10.47 -12.39 -2.86
C53 TOY C . -11.42 -14.15 -4.15
O53 TOY C . -10.98 -15.39 -4.78
C63 TOY C . -12.22 -13.19 -5.13
O63 TOY C . -13.56 -13.74 -5.45
CL CL D . -21.26 -27.09 23.24
C11 TOY E . 19.38 14.16 -1.57
O11 TOY E . 18.66 15.40 -1.65
C21 TOY E . 20.13 14.08 -0.25
N21 TOY E . 19.13 14.25 0.81
C31 TOY E . 21.27 15.13 -0.20
C41 TOY E . 22.18 14.98 -1.44
O41 TOY E . 23.08 16.11 -1.54
C51 TOY E . 21.40 14.92 -2.78
O51 TOY E . 20.29 14.00 -2.68
C61 TOY E . 22.34 14.49 -3.96
N61 TOY E . 21.56 14.13 -5.18
C12 TOY E . 14.90 16.17 -3.44
N12 TOY E . 13.66 16.48 -4.21
C22 TOY E . 16.00 17.25 -3.67
C32 TOY E . 17.10 16.96 -2.61
N32 TOY E . 18.14 18.03 -2.68
C42 TOY E . 17.72 15.51 -2.77
C52 TOY E . 16.65 14.35 -2.81
O52 TOY E . 17.21 13.10 -3.29
C62 TOY E . 15.46 14.73 -3.71
O62 TOY E . 14.40 13.76 -3.50
C13 TOY E . 14.40 12.66 -4.45
C23 TOY E . 12.95 12.22 -4.83
O23 TOY E . 12.23 13.35 -5.32
C33 TOY E . 12.17 11.73 -3.60
N33 TOY E . 10.78 11.35 -4.05
C43 TOY E . 12.96 10.61 -2.95
O43 TOY E . 12.37 10.21 -1.74
C53 TOY E . 14.36 11.15 -2.52
O53 TOY E . 14.97 11.56 -3.75
C63 TOY E . 15.13 10.03 -1.75
O63 TOY E . 16.55 10.42 -1.68
CL CL F . -8.45 20.53 7.68
#